data_3F30
#
_entry.id   3F30
#
_cell.length_a   71.156
_cell.length_b   71.156
_cell.length_c   138.421
_cell.angle_alpha   90.00
_cell.angle_beta   90.00
_cell.angle_gamma   120.00
#
_symmetry.space_group_name_H-M   'P 31 2 1'
#
loop_
_entity.id
_entity.type
_entity.pdbx_description
1 polymer 'FMN riboswitch'
2 non-polymer 'FLAVIN MONONUCLEOTIDE'
3 non-polymer 'POTASSIUM ION'
4 non-polymer 'MAGNESIUM ION'
5 non-polymer 'COBALT HEXAMMINE(III)'
#
_entity_poly.entity_id   1
_entity_poly.type   'polyribonucleotide'
_entity_poly.pdbx_seq_one_letter_code
;(GTP)GAUCUUCGGGGCAGGGUGAAAUUCCCGACCGGUGGUAUAGUCCACGAAAGUAUUUGCUUUGAUUUGGUGAAAUUC
CAAAACCGACAGUAGAGUCUGGAUGAGAGAAGAUU(CCC)
;
_entity_poly.pdbx_strand_id   X
#
loop_
_chem_comp.id
_chem_comp.type
_chem_comp.name
_chem_comp.formula
A RNA linking ADENOSINE-5'-MONOPHOSPHATE 'C10 H14 N5 O7 P'
C RNA linking CYTIDINE-5'-MONOPHOSPHATE 'C9 H14 N3 O8 P'
CCC RNA linking 'CYTIDINE-5'-PHOSPHATE-2',3'-CYCLIC PHOSPHATE' 'C9 H13 N3 O10 P2'
FMN non-polymer 'FLAVIN MONONUCLEOTIDE' 'C17 H21 N4 O9 P'
G RNA linking GUANOSINE-5'-MONOPHOSPHATE 'C10 H14 N5 O8 P'
GTP non-polymer GUANOSINE-5'-TRIPHOSPHATE 'C10 H16 N5 O14 P3'
K non-polymer 'POTASSIUM ION' 'K 1'
MG non-polymer 'MAGNESIUM ION' 'Mg 2'
NCO non-polymer 'COBALT HEXAMMINE(III)' 'Co H18 N6 3'
U RNA linking URIDINE-5'-MONOPHOSPHATE 'C9 H13 N2 O9 P'
#
# COMPACT_ATOMS: atom_id res chain seq x y z
PG GTP A 1 12.92 -5.19 7.50
O1G GTP A 1 12.31 -5.78 8.75
O2G GTP A 1 11.91 -5.22 6.38
O3G GTP A 1 14.14 -6.00 7.10
O3B GTP A 1 13.34 -3.66 7.82
PB GTP A 1 14.75 -3.03 7.34
O1B GTP A 1 14.68 -1.51 7.40
O2B GTP A 1 15.12 -3.48 5.95
O3A GTP A 1 15.81 -3.54 8.43
PA GTP A 1 17.27 -2.89 8.52
O1A GTP A 1 18.25 -3.90 9.08
O2A GTP A 1 17.25 -1.64 9.37
O5' GTP A 1 17.62 -2.57 6.97
C5' GTP A 1 17.86 -1.26 6.51
C4' GTP A 1 19.33 -1.08 6.20
O4' GTP A 1 20.11 -2.03 6.90
C3' GTP A 1 19.62 -1.32 4.73
O3' GTP A 1 19.60 -0.11 4.00
C2' GTP A 1 21.00 -1.98 4.66
O2' GTP A 1 22.00 -0.99 4.58
C1' GTP A 1 21.06 -2.64 6.03
N9 GTP A 1 20.82 -4.10 5.90
C8 GTP A 1 19.71 -4.80 6.32
N7 GTP A 1 19.88 -6.11 6.01
C5 GTP A 1 21.08 -6.26 5.40
C6 GTP A 1 21.75 -7.37 4.88
O6 GTP A 1 21.25 -8.49 4.92
N1 GTP A 1 22.99 -7.20 4.30
C2 GTP A 1 23.57 -5.95 4.23
N2 GTP A 1 24.77 -5.80 3.67
N3 GTP A 1 22.91 -4.86 4.76
C4 GTP A 1 21.68 -5.00 5.32
PC CCC A 112 31.18 -9.98 2.11
O1C CCC A 112 31.39 -10.93 3.26
O2C CCC A 112 32.36 -9.05 1.96
P CCC A 112 27.59 -14.35 -0.67
OP1 CCC A 112 28.88 -14.98 -1.13
OP2 CCC A 112 26.86 -14.93 0.52
O5' CCC A 112 27.85 -12.78 -0.38
C5' CCC A 112 28.59 -11.97 -1.31
C4' CCC A 112 29.01 -10.68 -0.63
O4' CCC A 112 27.84 -9.86 -0.48
C3' CCC A 112 29.54 -10.99 0.76
O3' CCC A 112 30.96 -10.80 0.77
C2' CCC A 112 28.84 -10.00 1.69
O2' CCC A 112 29.81 -9.14 2.30
C1' CCC A 112 27.85 -9.25 0.80
N1 CCC A 112 26.51 -9.34 1.36
C2 CCC A 112 25.85 -8.21 1.61
O2 CCC A 112 26.36 -7.13 1.37
N3 CCC A 112 24.64 -8.29 2.12
C4 CCC A 112 24.17 -9.51 2.35
N4 CCC A 112 22.96 -9.68 2.88
C5 CCC A 112 24.88 -10.52 2.08
C6 CCC A 112 25.99 -10.41 1.61
N1 FMN B . -10.97 4.51 -8.78
C2 FMN B . -10.64 3.68 -9.83
O2 FMN B . -11.13 2.56 -9.89
N3 FMN B . -9.74 4.10 -10.78
C4 FMN B . -9.19 5.36 -10.71
O4 FMN B . -8.39 5.72 -11.57
C4A FMN B . -9.53 6.22 -9.66
N5 FMN B . -8.97 7.48 -9.59
C5A FMN B . -9.32 8.32 -8.53
C6 FMN B . -8.75 9.59 -8.46
C7 FMN B . -9.09 10.45 -7.41
C7M FMN B . -8.46 11.81 -7.38
C8 FMN B . -10.00 10.03 -6.43
C8M FMN B . -10.39 10.90 -5.29
C9 FMN B . -10.55 8.76 -6.52
C9A FMN B . -10.22 7.89 -7.55
N10 FMN B . -10.78 6.62 -7.62
C10 FMN B . -10.43 5.79 -8.68
C1' FMN B . -11.82 6.21 -6.62
C2' FMN B . -11.13 5.42 -5.51
O2' FMN B . -10.91 4.12 -6.00
C3' FMN B . -11.95 5.35 -4.22
O3' FMN B . -13.08 4.52 -4.43
C4' FMN B . -12.43 6.70 -3.68
O4' FMN B . -11.34 7.61 -3.62
C5' FMN B . -13.07 6.54 -2.30
O5' FMN B . -12.19 5.87 -1.41
P FMN B . -12.72 5.23 -0.02
O1P FMN B . -11.66 4.30 0.51
O2P FMN B . -14.00 4.48 -0.27
O3P FMN B . -12.94 6.33 1.01
K K C . -5.26 3.20 9.15
MG MG D . -24.01 9.02 -1.89
MG MG E . -10.20 5.33 2.23
MG MG F . -21.57 10.42 -15.19
MG MG G . -39.22 -9.85 -6.38
MG MG H . -14.52 11.73 22.86
MG MG I . -20.47 2.16 8.15
MG MG J . -30.97 -6.36 4.03
MG MG K . -32.71 -1.68 -17.67
CO NCO L . -14.56 0.69 -11.20
N1 NCO L . -15.18 1.01 -9.34
N2 NCO L . -13.95 0.36 -13.06
N3 NCO L . -14.16 2.62 -11.40
N4 NCO L . -12.71 0.37 -10.54
N5 NCO L . -14.95 -1.25 -10.99
N6 NCO L . -16.40 1.01 -11.85
CO NCO M . 1.05 0.20 17.75
N1 NCO M . -0.07 -0.63 16.35
N2 NCO M . 2.17 1.04 19.14
N3 NCO M . 1.66 -1.59 18.32
N4 NCO M . -0.47 0.07 19.01
N5 NCO M . 0.43 2.00 17.17
N6 NCO M . 2.57 0.33 16.49
CO NCO N . -35.56 -1.06 -8.04
N1 NCO N . -36.39 -2.09 -6.56
N2 NCO N . -34.74 -0.03 -9.52
N3 NCO N . -37.09 -1.53 -9.21
N4 NCO N . -34.60 -2.69 -8.64
N5 NCO N . -34.04 -0.59 -6.86
N6 NCO N . -36.51 0.57 -7.44
CO NCO O . 17.19 -9.93 4.49
N1 NCO O . 16.86 -11.50 5.66
N2 NCO O . 17.51 -8.35 3.33
N3 NCO O . 19.07 -10.50 4.21
N4 NCO O . 17.74 -8.86 6.07
N5 NCO O . 15.32 -9.35 4.77
N6 NCO O . 16.64 -10.99 2.92
CO NCO P . 2.18 15.23 -3.23
N1 NCO P . 2.12 16.73 -1.94
N2 NCO P . 2.23 13.72 -4.52
N3 NCO P . 4.10 14.93 -2.82
N4 NCO P . 1.69 13.97 -1.78
N5 NCO P . 0.26 15.51 -3.62
N6 NCO P . 2.66 16.48 -4.68
CO NCO Q . -17.10 4.65 13.91
N1 NCO Q . -17.68 3.01 12.96
N2 NCO Q . -16.53 6.30 14.85
N3 NCO Q . -15.74 4.99 12.50
N4 NCO Q . -15.77 3.60 14.93
N5 NCO Q . -18.47 4.31 15.30
N6 NCO Q . -18.43 5.70 12.89
CO NCO R . -0.48 11.73 -13.84
N1 NCO R . -2.35 11.17 -13.52
N2 NCO R . 1.40 12.28 -14.16
N3 NCO R . 0.13 9.87 -13.50
N4 NCO R . -0.29 12.15 -11.91
N5 NCO R . -1.08 13.59 -14.18
N6 NCO R . -0.65 11.31 -15.77
CO NCO S . -9.52 -1.48 8.51
N1 NCO S . -7.94 -1.13 9.67
N2 NCO S . -11.09 -1.83 7.36
N3 NCO S . -8.39 -1.24 6.90
N4 NCO S . -9.08 -3.41 8.51
N5 NCO S . -10.63 -1.73 10.13
N6 NCO S . -9.94 0.46 8.51
CO NCO T . -43.43 0.28 -13.92
N1 NCO T . -44.44 -1.18 -13.05
N2 NCO T . -42.41 1.74 -14.79
N3 NCO T . -42.40 0.54 -12.25
N4 NCO T . -44.78 1.59 -13.31
N5 NCO T . -44.45 0.01 -15.59
N6 NCO T . -42.07 -1.04 -14.53
#